data_6F1K
#
_entry.id   6F1K
#
_cell.length_a   119.270
_cell.length_b   119.270
_cell.length_c   73.580
_cell.angle_alpha   90.00
_cell.angle_beta   90.00
_cell.angle_gamma   120.00
#
_symmetry.space_group_name_H-M   'P 63 2 2'
#
loop_
_entity.id
_entity.type
_entity.pdbx_description
1 polymer 'Poly [ADP-ribose] polymerase 2'
2 polymer "DNA (5'-D(*GP*CP*CP*TP*AP*GP*CP*TP*AP*CP*GP*TP*AP*GP*CP*TP*AP*GP*GP*C)-3')"
3 non-polymer GLYCEROL
4 non-polymer 'CHLORIDE ION'
5 water water
#
loop_
_entity_poly.entity_id
_entity_poly.type
_entity_poly.pdbx_seq_one_letter_code
_entity_poly.pdbx_strand_id
1 'polypeptide(L)'
;GKAPVDPECTAKVGKAHVYCEGNDVYDVMLNQTNLQFNNNKYYLIQLLEDDAQRNFSVWMRWGRVGKMGQHSLVACSGNL
NKAKEIFQKKFLDKTKNNWEDREKFEKVPGKYDMLQMDYATNTQDEEET
;
A
2 'polydeoxyribonucleotide' (DG)(DC)(DC)(DT)(DA)(DG)(DC)(DT)(DA)(DC)(DG)(DT)(DA)(DG)(DC)(DT)(DA)(DG)(DG)(DC) C
#
loop_
_chem_comp.id
_chem_comp.type
_chem_comp.name
_chem_comp.formula
CL non-polymer 'CHLORIDE ION' 'Cl -1'
DA DNA linking 2'-DEOXYADENOSINE-5'-MONOPHOSPHATE 'C10 H14 N5 O6 P'
DC DNA linking 2'-DEOXYCYTIDINE-5'-MONOPHOSPHATE 'C9 H14 N3 O7 P'
DG DNA linking 2'-DEOXYGUANOSINE-5'-MONOPHOSPHATE 'C10 H14 N5 O7 P'
DT DNA linking THYMIDINE-5'-MONOPHOSPHATE 'C10 H15 N2 O8 P'
GOL non-polymer GLYCEROL 'C3 H8 O3'
#
# COMPACT_ATOMS: atom_id res chain seq x y z
N LYS A 2 -14.21 3.53 3.80
CA LYS A 2 -14.70 3.58 2.39
C LYS A 2 -13.64 3.02 1.42
N ALA A 3 -12.35 3.14 1.74
CA ALA A 3 -11.32 2.35 1.05
C ALA A 3 -11.16 1.01 1.78
N PRO A 4 -11.45 -0.12 1.07
CA PRO A 4 -11.51 -1.40 1.77
C PRO A 4 -10.14 -1.96 2.09
N VAL A 5 -10.07 -2.62 3.25
CA VAL A 5 -8.91 -3.45 3.58
C VAL A 5 -8.80 -4.53 2.52
N ASP A 6 -7.59 -4.78 2.07
CA ASP A 6 -7.39 -5.79 1.05
C ASP A 6 -8.05 -7.08 1.55
N PRO A 7 -8.97 -7.69 0.75
CA PRO A 7 -9.56 -8.97 1.18
C PRO A 7 -8.57 -10.11 1.37
N GLU A 8 -7.42 -10.07 0.71
CA GLU A 8 -6.38 -11.07 0.95
C GLU A 8 -5.72 -10.98 2.33
N CYS A 9 -5.93 -9.88 3.08
CA CYS A 9 -5.32 -9.74 4.40
C CYS A 9 -6.24 -10.34 5.45
N THR A 10 -6.31 -11.66 5.45
CA THR A 10 -7.36 -12.35 6.20
C THR A 10 -7.23 -12.18 7.71
N ALA A 11 -6.02 -11.92 8.18
CA ALA A 11 -5.81 -11.62 9.60
C ALA A 11 -6.47 -10.33 10.05
N LYS A 12 -6.53 -9.33 9.17
CA LYS A 12 -7.08 -8.02 9.54
C LYS A 12 -8.45 -7.66 8.99
N VAL A 13 -8.89 -8.33 7.93
CA VAL A 13 -10.18 -7.99 7.31
C VAL A 13 -11.34 -8.28 8.28
N GLY A 14 -12.28 -7.33 8.36
CA GLY A 14 -13.38 -7.39 9.33
C GLY A 14 -13.03 -6.87 10.72
N LYS A 15 -11.75 -6.67 10.99
CA LYS A 15 -11.23 -6.34 12.31
C LYS A 15 -10.44 -5.04 12.34
N ALA A 16 -10.33 -4.35 11.22
CA ALA A 16 -9.40 -3.24 11.07
C ALA A 16 -9.80 -2.41 9.86
N HIS A 17 -9.29 -1.19 9.79
CA HIS A 17 -9.62 -0.25 8.71
C HIS A 17 -8.36 0.42 8.21
N VAL A 18 -8.43 0.96 7.02
CA VAL A 18 -7.30 1.68 6.43
C VAL A 18 -7.13 2.98 7.22
N TYR A 19 -5.88 3.33 7.57
CA TYR A 19 -5.63 4.52 8.40
C TYR A 19 -5.77 5.82 7.62
N CYS A 20 -6.47 6.77 8.23
CA CYS A 20 -6.75 8.09 7.65
C CYS A 20 -6.35 9.20 8.58
N GLU A 21 -5.82 10.27 8.01
CA GLU A 21 -5.41 11.43 8.76
C GLU A 21 -5.50 12.64 7.82
N GLY A 22 -6.32 13.62 8.16
CA GLY A 22 -6.53 14.79 7.31
C GLY A 22 -6.98 14.32 5.93
N ASN A 23 -6.24 14.71 4.90
CA ASN A 23 -6.52 14.25 3.54
C ASN A 23 -5.81 12.95 3.16
N ASP A 24 -4.99 12.40 4.06
CA ASP A 24 -4.19 11.21 3.79
C ASP A 24 -4.96 9.94 4.03
N VAL A 25 -5.07 9.12 2.99
CA VAL A 25 -5.58 7.78 3.08
C VAL A 25 -4.39 6.87 2.76
N TYR A 26 -3.95 6.09 3.75
CA TYR A 26 -2.72 5.31 3.62
C TYR A 26 -3.01 3.98 2.91
N ASP A 27 -3.27 4.07 1.61
CA ASP A 27 -3.73 2.94 0.81
C ASP A 27 -3.32 3.19 -0.61
N VAL A 28 -2.48 2.33 -1.16
CA VAL A 28 -2.01 2.61 -2.52
C VAL A 28 -1.72 1.34 -3.31
N MET A 29 -2.08 1.37 -4.60
CA MET A 29 -1.83 0.29 -5.53
C MET A 29 -0.83 0.79 -6.55
N LEU A 30 0.25 0.03 -6.68
CA LEU A 30 1.30 0.32 -7.63
C LEU A 30 1.30 -0.71 -8.71
N ASN A 31 1.71 -0.31 -9.90
CA ASN A 31 1.72 -1.19 -11.05
C ASN A 31 2.85 -0.81 -11.99
N GLN A 32 3.56 -1.83 -12.45
CA GLN A 32 4.61 -1.68 -13.42
C GLN A 32 4.39 -2.63 -14.59
N THR A 33 4.16 -2.06 -15.75
CA THR A 33 3.86 -2.79 -16.95
C THR A 33 4.83 -2.37 -18.05
N ASN A 34 5.61 -3.32 -18.54
CA ASN A 34 6.47 -3.13 -19.67
C ASN A 34 6.19 -4.26 -20.66
N LEU A 35 5.60 -3.93 -21.81
CA LEU A 35 5.25 -4.95 -22.80
C LEU A 35 6.45 -5.63 -23.45
N GLN A 36 7.55 -4.91 -23.63
CA GLN A 36 8.75 -5.49 -24.26
C GLN A 36 9.47 -6.48 -23.36
N PHE A 37 9.59 -6.13 -22.07
CA PHE A 37 10.45 -6.85 -21.13
C PHE A 37 9.66 -7.83 -20.27
N ASN A 38 8.35 -7.95 -20.53
CA ASN A 38 7.49 -8.90 -19.84
C ASN A 38 7.37 -8.62 -18.33
N ASN A 39 7.11 -7.34 -18.03
CA ASN A 39 6.88 -6.89 -16.65
C ASN A 39 5.42 -6.56 -16.54
N ASN A 40 4.78 -7.11 -15.52
CA ASN A 40 3.36 -6.93 -15.38
C ASN A 40 2.99 -7.31 -13.97
N LYS A 41 3.32 -6.41 -13.05
CA LYS A 41 3.29 -6.70 -11.63
C LYS A 41 2.70 -5.57 -10.86
N TYR A 42 2.27 -5.89 -9.66
CA TYR A 42 1.64 -4.92 -8.81
C TYR A 42 2.27 -4.99 -7.44
N TYR A 43 1.98 -3.96 -6.64
CA TYR A 43 2.43 -3.85 -5.24
C TYR A 43 1.41 -2.96 -4.51
N LEU A 44 0.68 -3.56 -3.59
CA LEU A 44 -0.29 -2.86 -2.79
C LEU A 44 0.34 -2.59 -1.44
N ILE A 45 0.12 -1.39 -0.89
CA ILE A 45 0.54 -1.02 0.46
C ILE A 45 -0.65 -0.38 1.19
N GLN A 46 -0.95 -0.91 2.38
CA GLN A 46 -1.99 -0.35 3.24
C GLN A 46 -1.46 -0.18 4.66
N LEU A 47 -1.78 0.94 5.31
CA LEU A 47 -1.49 1.13 6.73
C LEU A 47 -2.80 0.90 7.44
N LEU A 48 -2.85 -0.14 8.26
CA LEU A 48 -4.07 -0.60 8.87
C LEU A 48 -4.08 -0.30 10.36
N GLU A 49 -5.23 0.17 10.84
CA GLU A 49 -5.48 0.37 12.27
C GLU A 49 -6.62 -0.56 12.70
N ASP A 50 -6.43 -1.29 13.80
CA ASP A 50 -7.49 -2.13 14.34
C ASP A 50 -8.73 -1.29 14.67
N ASP A 51 -9.90 -1.91 14.52
CA ASP A 51 -11.16 -1.28 14.89
C ASP A 51 -11.30 -1.19 16.40
N ALA A 52 -10.78 -2.20 17.09
CA ALA A 52 -10.94 -2.33 18.54
C ALA A 52 -9.99 -1.45 19.36
N GLN A 53 -8.76 -1.22 18.88
CA GLN A 53 -7.76 -0.44 19.66
C GLN A 53 -6.71 0.29 18.80
N ARG A 54 -5.89 1.13 19.44
CA ARG A 54 -4.84 1.90 18.77
C ARG A 54 -3.64 1.01 18.50
N ASN A 55 -3.80 0.18 17.46
CA ASN A 55 -2.80 -0.80 17.07
C ASN A 55 -2.69 -0.82 15.54
N PHE A 56 -1.47 -0.57 15.06
CA PHE A 56 -1.18 -0.35 13.66
C PHE A 56 -0.36 -1.47 13.06
N SER A 57 -0.55 -1.66 11.77
CA SER A 57 0.31 -2.54 11.01
C SER A 57 0.37 -2.07 9.56
N VAL A 58 1.42 -2.47 8.86
CA VAL A 58 1.57 -2.17 7.46
C VAL A 58 1.41 -3.50 6.70
N TRP A 59 0.42 -3.54 5.78
CA TRP A 59 0.17 -4.71 4.93
C TRP A 59 0.67 -4.47 3.54
N MET A 60 1.44 -5.42 3.04
CA MET A 60 2.00 -5.33 1.69
C MET A 60 1.70 -6.60 0.96
N ARG A 61 1.27 -6.48 -0.29
CA ARG A 61 1.02 -7.63 -1.16
C ARG A 61 1.48 -7.30 -2.55
N TRP A 62 2.18 -8.25 -3.18
CA TRP A 62 2.78 -8.00 -4.47
C TRP A 62 2.72 -9.24 -5.30
N GLY A 63 2.76 -9.08 -6.61
CA GLY A 63 2.79 -10.22 -7.50
C GLY A 63 2.73 -9.85 -8.97
N ARG A 64 2.87 -10.90 -9.77
CA ARG A 64 2.42 -10.84 -11.16
C ARG A 64 0.92 -10.51 -11.19
N VAL A 65 0.49 -9.55 -12.02
CA VAL A 65 -0.92 -9.17 -12.05
C VAL A 65 -1.77 -10.39 -12.36
N GLY A 66 -2.91 -10.46 -11.70
CA GLY A 66 -3.76 -11.63 -11.77
C GLY A 66 -3.34 -12.77 -10.85
N LYS A 67 -2.34 -12.58 -9.99
CA LYS A 67 -1.94 -13.60 -8.99
C LYS A 67 -1.95 -13.04 -7.57
N MET A 68 -2.09 -13.93 -6.59
CA MET A 68 -2.08 -13.52 -5.18
C MET A 68 -0.66 -13.18 -4.69
N GLY A 69 0.36 -13.75 -5.36
CA GLY A 69 1.75 -13.43 -5.11
C GLY A 69 2.17 -13.68 -3.68
N GLN A 70 2.95 -12.77 -3.09
CA GLN A 70 3.36 -12.91 -1.72
C GLN A 70 3.01 -11.66 -0.96
N HIS A 71 3.12 -11.74 0.36
CA HIS A 71 2.67 -10.66 1.19
C HIS A 71 3.41 -10.65 2.49
N SER A 72 3.19 -9.59 3.24
CA SER A 72 3.85 -9.40 4.51
C SER A 72 3.05 -8.40 5.33
N LEU A 73 2.78 -8.75 6.58
CA LEU A 73 2.11 -7.89 7.52
C LEU A 73 3.05 -7.54 8.64
N VAL A 74 3.46 -6.29 8.72
CA VAL A 74 4.42 -5.87 9.70
C VAL A 74 3.67 -5.28 10.88
N ALA A 75 3.78 -5.90 12.05
CA ALA A 75 3.16 -5.39 13.28
C ALA A 75 3.92 -4.16 13.77
N CYS A 76 3.20 -3.10 14.14
CA CYS A 76 3.82 -1.87 14.65
C CYS A 76 3.32 -1.43 16.03
N SER A 77 2.46 -2.22 16.68
CA SER A 77 1.89 -1.89 17.99
C SER A 77 1.17 -0.54 17.95
N GLY A 78 1.28 0.24 19.03
CA GLY A 78 0.80 1.62 19.02
C GLY A 78 1.68 2.63 18.31
N ASN A 79 2.84 2.20 17.80
CA ASN A 79 3.78 3.12 17.16
C ASN A 79 3.35 3.50 15.74
N LEU A 80 2.56 4.56 15.65
CA LEU A 80 2.10 5.08 14.39
C LEU A 80 3.24 5.59 13.49
N ASN A 81 4.16 6.34 14.08
CA ASN A 81 5.32 6.86 13.35
C ASN A 81 6.11 5.76 12.64
N LYS A 82 6.34 4.63 13.33
CA LYS A 82 7.04 3.51 12.73
C LYS A 82 6.28 3.00 11.50
N ALA A 83 4.96 2.85 11.65
CA ALA A 83 4.14 2.37 10.58
C ALA A 83 4.14 3.34 9.39
N LYS A 84 4.08 4.65 9.68
CA LYS A 84 4.13 5.65 8.61
C LYS A 84 5.47 5.64 7.87
N GLU A 85 6.59 5.52 8.60
CA GLU A 85 7.94 5.39 8.00
C GLU A 85 8.00 4.20 7.04
N ILE A 86 7.52 3.05 7.50
CA ILE A 86 7.59 1.80 6.72
C ILE A 86 6.76 1.94 5.45
N PHE A 87 5.52 2.41 5.62
CA PHE A 87 4.66 2.72 4.52
C PHE A 87 5.34 3.66 3.51
N GLN A 88 5.80 4.80 3.99
CA GLN A 88 6.36 5.83 3.12
C GLN A 88 7.66 5.39 2.47
N LYS A 89 8.45 4.61 3.20
CA LYS A 89 9.72 4.13 2.66
C LYS A 89 9.48 3.09 1.56
N LYS A 90 8.48 2.23 1.75
CA LYS A 90 8.18 1.28 0.68
C LYS A 90 7.70 2.00 -0.60
N PHE A 91 6.78 2.93 -0.41
CA PHE A 91 6.32 3.74 -1.52
C PHE A 91 7.47 4.39 -2.29
N LEU A 92 8.40 4.98 -1.54
CA LEU A 92 9.55 5.64 -2.14
C LEU A 92 10.48 4.65 -2.81
N ASP A 93 10.73 3.50 -2.20
CA ASP A 93 11.60 2.50 -2.83
C ASP A 93 11.03 2.12 -4.18
N LYS A 94 9.71 1.96 -4.27
CA LYS A 94 9.12 1.41 -5.49
C LYS A 94 8.74 2.43 -6.57
N THR A 95 8.57 3.71 -6.20
CA THR A 95 8.20 4.74 -7.16
C THR A 95 9.24 5.84 -7.38
N LYS A 96 10.20 5.95 -6.49
CA LYS A 96 11.13 7.09 -6.47
C LYS A 96 10.41 8.44 -6.34
N ASN A 97 9.19 8.43 -5.81
CA ASN A 97 8.48 9.64 -5.44
C ASN A 97 8.25 9.48 -3.95
N ASN A 98 8.25 10.60 -3.25
CA ASN A 98 7.87 10.65 -1.86
C ASN A 98 6.37 10.65 -1.77
N TRP A 99 5.86 9.92 -0.77
CA TRP A 99 4.43 9.83 -0.53
C TRP A 99 3.73 11.18 -0.40
N GLU A 100 4.35 12.12 0.33
CA GLU A 100 3.72 13.44 0.52
C GLU A 100 3.71 14.28 -0.75
N ASP A 101 4.52 13.92 -1.74
CA ASP A 101 4.47 14.57 -3.04
C ASP A 101 3.62 13.84 -4.08
N ARG A 102 2.68 13.00 -3.64
CA ARG A 102 1.91 12.19 -4.58
C ARG A 102 0.89 12.94 -5.43
N GLU A 103 0.52 14.14 -5.01
CA GLU A 103 -0.37 14.98 -5.83
C GLU A 103 0.32 15.35 -7.15
N LYS A 104 1.65 15.53 -7.10
CA LYS A 104 2.47 15.77 -8.29
C LYS A 104 3.23 14.51 -8.75
N PHE A 105 2.68 13.31 -8.51
CA PHE A 105 3.38 12.08 -8.82
C PHE A 105 3.92 12.13 -10.25
N GLU A 106 5.17 11.71 -10.45
CA GLU A 106 5.72 11.57 -11.78
C GLU A 106 6.45 10.23 -11.88
N LYS A 107 5.82 9.33 -12.62
CA LYS A 107 6.40 8.05 -13.00
C LYS A 107 7.87 8.13 -13.42
N VAL A 108 8.71 7.30 -12.81
CA VAL A 108 10.12 7.21 -13.14
C VAL A 108 10.41 5.90 -13.95
N PRO A 109 11.20 5.98 -15.04
CA PRO A 109 11.40 4.77 -15.85
C PRO A 109 12.04 3.65 -15.03
N GLY A 110 11.47 2.45 -15.10
CA GLY A 110 11.93 1.31 -14.31
C GLY A 110 11.39 1.23 -12.89
N LYS A 111 10.47 2.13 -12.53
CA LYS A 111 9.79 2.09 -11.25
C LYS A 111 8.30 1.98 -11.49
N TYR A 112 7.55 1.78 -10.42
CA TYR A 112 6.13 1.52 -10.56
C TYR A 112 5.37 2.84 -10.71
N ASP A 113 4.25 2.76 -11.42
CA ASP A 113 3.27 3.84 -11.49
C ASP A 113 2.28 3.64 -10.36
N MET A 114 1.56 4.69 -10.01
CA MET A 114 0.45 4.59 -9.07
C MET A 114 -0.80 4.35 -9.86
N LEU A 115 -1.71 3.60 -9.28
CA LEU A 115 -2.97 3.30 -9.89
C LEU A 115 -4.06 3.66 -8.90
N GLN A 116 -5.01 4.45 -9.35
CA GLN A 116 -6.13 4.79 -8.49
C GLN A 116 -7.19 3.68 -8.56
N MET A 117 -7.48 3.06 -7.43
CA MET A 117 -8.49 2.01 -7.35
C MET A 117 -9.91 2.56 -7.22
N ASP A 118 -10.93 1.71 -7.46
CA ASP A 118 -12.34 2.06 -7.16
C ASP A 118 -12.79 1.56 -5.82
N TYR A 119 -13.60 2.38 -5.15
CA TYR A 119 -14.10 2.11 -3.81
C TYR A 119 -15.62 2.12 -3.84
N ALA A 120 -16.26 1.40 -2.91
CA ALA A 120 -17.73 1.33 -2.79
C ALA A 120 -18.23 1.82 -1.43
C1 GOL C . -4.20 -8.88 -8.60
O1 GOL C . -3.64 -8.52 -9.87
C2 GOL C . -4.37 -7.64 -7.74
O2 GOL C . -4.24 -6.45 -8.53
C3 GOL C . -5.74 -7.62 -7.04
O3 GOL C . -5.84 -8.75 -6.17
CL CL D . 55.35 22.88 -6.31
#